data_7VO5
#
_entry.id   7VO5
#
_cell.length_a   95.449
_cell.length_b   95.449
_cell.length_c   102.708
_cell.angle_alpha   90.000
_cell.angle_beta   90.000
_cell.angle_gamma   120.000
#
_symmetry.space_group_name_H-M   'P 64'
#
loop_
_entity.id
_entity.type
_entity.pdbx_description
1 polymer ScnS4
2 non-polymer (1R,3S,5E,7S,11R,13E,15E,17E,19E,21R,23S,24R,25S)-11,24-dimethyl-1,3,7,21,25-pentakis(oxidanyl)-10,27-dioxabicyclo[21.3.1]heptacosa-5,13,15,17,19-pentaen-9-one
3 water water
#
_entity_poly.entity_id   1
_entity_poly.type   'polypeptide(L)'
_entity_poly.pdbx_seq_one_letter_code
;FLPAAAPETDSLERMFLDALESGRIPEAQRMLSALGALRPSFENTAELEDLPLPATLAEGPGAPRLICVSTPTANGGVHE
YARLAASFRGERHVSALPLVGFAAGERLPATPETAVRVVAESTLRASDGNPFVLVGHSSAGAFAYLAAALLENTWGIRPE
AVVLLDTLSLRHEQNETIDYAGLMRRHFMVDEVSPVRMTNSRLSAMARWMGMLNQLEVRHTTVPVLIIRAAKETFGIGTD
TGIYGEDHGSPVDVRSVDADHFSMVRDDAPETARIVKEWLDSLGNA
;
_entity_poly.pdbx_strand_id   A
#
# COMPACT_ATOMS: atom_id res chain seq x y z
N PHE A 1 -1.19 -8.19 18.31
CA PHE A 1 -0.63 -9.54 18.62
C PHE A 1 -1.69 -10.61 18.64
N LEU A 2 -2.91 -10.22 19.06
CA LEU A 2 -4.08 -11.16 19.19
C LEU A 2 -4.62 -11.61 17.84
N PRO A 3 -4.85 -12.91 17.68
CA PRO A 3 -5.36 -13.38 16.37
C PRO A 3 -6.80 -13.05 16.25
N ALA A 4 -7.15 -12.55 15.06
CA ALA A 4 -8.53 -12.53 14.59
C ALA A 4 -9.10 -13.95 14.52
N ALA A 5 -10.42 -14.02 14.44
CA ALA A 5 -11.10 -15.32 14.49
C ALA A 5 -10.70 -16.10 13.26
N ALA A 6 -10.63 -17.39 13.38
CA ALA A 6 -10.26 -18.17 12.23
C ALA A 6 -11.42 -18.12 11.21
N PRO A 7 -11.10 -18.33 9.96
CA PRO A 7 -12.19 -18.44 8.97
C PRO A 7 -13.13 -19.60 9.21
N GLU A 8 -14.41 -19.38 9.06
CA GLU A 8 -15.37 -20.46 9.14
C GLU A 8 -15.33 -21.30 7.89
N THR A 9 -15.92 -22.46 7.94
CA THR A 9 -15.91 -23.36 6.81
C THR A 9 -16.63 -22.76 5.60
N ASP A 10 -17.77 -22.15 5.81
CA ASP A 10 -18.50 -21.60 4.71
C ASP A 10 -18.01 -20.20 4.30
N SER A 11 -16.96 -19.72 4.94
CA SER A 11 -16.56 -18.33 4.68
C SER A 11 -15.91 -18.17 3.31
N LEU A 12 -16.14 -17.01 2.75
CA LEU A 12 -15.43 -16.61 1.54
C LEU A 12 -13.95 -16.71 1.70
N GLU A 13 -13.43 -16.30 2.86
CA GLU A 13 -12.02 -16.42 3.15
C GLU A 13 -11.48 -17.81 2.98
N ARG A 14 -12.08 -18.79 3.62
CA ARG A 14 -11.66 -20.16 3.46
C ARG A 14 -11.73 -20.68 2.04
N MET A 15 -12.83 -20.43 1.35
CA MET A 15 -12.98 -20.89 0.00
C MET A 15 -11.91 -20.23 -0.82
N PHE A 16 -11.65 -18.97 -0.53
CA PHE A 16 -10.64 -18.22 -1.23
C PHE A 16 -9.26 -18.77 -0.98
N LEU A 17 -8.91 -18.94 0.29
CA LEU A 17 -7.62 -19.46 0.66
C LEU A 17 -7.39 -20.89 0.15
N ASP A 18 -8.41 -21.72 0.22
CA ASP A 18 -8.31 -23.10 -0.34
C ASP A 18 -8.03 -23.06 -1.84
N ALA A 19 -8.69 -22.15 -2.56
CA ALA A 19 -8.45 -22.01 -3.98
C ALA A 19 -6.99 -21.64 -4.28
N LEU A 20 -6.39 -20.76 -3.48
CA LEU A 20 -4.98 -20.40 -3.67
C LEU A 20 -4.02 -21.56 -3.31
N GLU A 21 -4.30 -22.19 -2.18
CA GLU A 21 -3.56 -23.39 -1.75
C GLU A 21 -3.47 -24.43 -2.88
N SER A 22 -4.57 -24.69 -3.57
CA SER A 22 -4.61 -25.70 -4.63
C SER A 22 -4.27 -25.13 -6.03
N GLY A 23 -3.64 -23.96 -6.07
CA GLY A 23 -3.19 -23.35 -7.32
C GLY A 23 -4.27 -22.93 -8.32
N ARG A 24 -5.50 -22.67 -7.84
CA ARG A 24 -6.62 -22.29 -8.69
C ARG A 24 -6.78 -20.77 -8.66
N ILE A 25 -5.71 -20.08 -9.12
CA ILE A 25 -5.62 -18.63 -9.01
C ILE A 25 -6.65 -17.91 -9.90
N PRO A 26 -6.72 -18.33 -11.16
CA PRO A 26 -7.68 -17.64 -12.04
C PRO A 26 -9.13 -17.70 -11.50
N GLU A 27 -9.48 -18.85 -10.98
CA GLU A 27 -10.83 -19.01 -10.48
C GLU A 27 -11.15 -18.13 -9.27
N ALA A 28 -10.20 -18.13 -8.34
CA ALA A 28 -10.22 -17.25 -7.18
C ALA A 28 -10.33 -15.80 -7.57
N GLN A 29 -9.59 -15.45 -8.60
CA GLN A 29 -9.62 -14.08 -9.13
C GLN A 29 -10.94 -13.69 -9.72
N ARG A 30 -11.48 -14.60 -10.50
CA ARG A 30 -12.77 -14.36 -11.11
C ARG A 30 -13.88 -14.22 -10.04
N MET A 31 -13.83 -15.03 -9.00
CA MET A 31 -14.81 -14.87 -7.91
C MET A 31 -14.69 -13.47 -7.29
N LEU A 32 -13.47 -13.07 -7.01
CA LEU A 32 -13.19 -11.76 -6.42
C LEU A 32 -13.72 -10.63 -7.27
N SER A 33 -13.51 -10.77 -8.57
CA SER A 33 -13.93 -9.75 -9.50
C SER A 33 -15.46 -9.62 -9.56
N ALA A 34 -16.10 -10.78 -9.64
CA ALA A 34 -17.57 -10.89 -9.69
C ALA A 34 -18.15 -10.32 -8.42
N LEU A 35 -17.54 -10.67 -7.28
CA LEU A 35 -17.96 -10.10 -5.99
C LEU A 35 -17.75 -8.59 -5.91
N GLY A 36 -16.58 -8.16 -6.37
CA GLY A 36 -16.23 -6.73 -6.29
C GLY A 36 -17.13 -5.86 -7.14
N ALA A 37 -17.55 -6.43 -8.25
CA ALA A 37 -18.49 -5.69 -9.12
C ALA A 37 -19.81 -5.35 -8.41
N LEU A 38 -20.26 -6.13 -7.43
CA LEU A 38 -21.52 -5.76 -6.72
C LEU A 38 -21.34 -4.61 -5.80
N ARG A 39 -20.13 -4.30 -5.39
CA ARG A 39 -20.01 -3.24 -4.37
C ARG A 39 -20.42 -1.83 -4.87
N PRO A 40 -21.08 -1.09 -4.03
CA PRO A 40 -21.37 0.28 -4.41
C PRO A 40 -20.17 1.23 -4.39
N SER A 41 -20.25 2.22 -5.26
CA SER A 41 -19.19 3.12 -5.53
C SER A 41 -19.45 4.56 -5.11
N PHE A 42 -18.43 5.37 -5.22
CA PHE A 42 -18.56 6.77 -5.01
C PHE A 42 -17.65 7.49 -5.97
N GLU A 43 -18.09 8.61 -6.52
CA GLU A 43 -17.30 9.29 -7.52
C GLU A 43 -16.50 10.45 -6.97
N ASN A 44 -16.95 11.03 -5.88
CA ASN A 44 -16.25 12.15 -5.29
C ASN A 44 -16.04 11.96 -3.82
N THR A 45 -14.96 12.52 -3.30
CA THR A 45 -14.64 12.40 -1.89
C THR A 45 -15.56 13.22 -1.03
N ALA A 46 -16.37 14.06 -1.66
CA ALA A 46 -17.33 14.86 -0.93
C ALA A 46 -18.52 14.03 -0.62
N GLU A 47 -18.73 12.98 -1.40
CA GLU A 47 -19.83 12.07 -1.14
C GLU A 47 -19.50 11.15 0.01
N LEU A 48 -18.36 11.37 0.65
CA LEU A 48 -17.97 10.55 1.75
C LEU A 48 -18.25 11.29 3.02
N GLU A 49 -18.77 10.59 4.00
CA GLU A 49 -19.04 11.19 5.27
C GLU A 49 -17.74 11.66 5.84
N ASP A 50 -16.87 10.71 6.12
CA ASP A 50 -15.58 11.07 6.61
C ASP A 50 -14.53 10.38 5.77
N LEU A 51 -13.31 10.87 5.88
CA LEU A 51 -12.26 10.28 5.12
C LEU A 51 -11.67 9.14 5.94
N PRO A 52 -10.96 8.16 5.30
CA PRO A 52 -10.29 7.21 6.16
C PRO A 52 -9.44 7.92 7.20
N LEU A 53 -9.30 7.29 8.35
CA LEU A 53 -8.68 7.89 9.48
C LEU A 53 -7.32 7.29 9.79
N PRO A 54 -6.31 8.13 9.99
CA PRO A 54 -4.98 7.60 10.24
C PRO A 54 -4.74 7.00 11.61
N ALA A 55 -3.91 5.98 11.68
CA ALA A 55 -3.45 5.43 12.94
C ALA A 55 -1.99 5.80 13.15
N THR A 56 -1.75 6.47 14.28
CA THR A 56 -0.40 6.79 14.68
C THR A 56 0.31 5.57 15.17
N LEU A 57 1.47 5.25 14.61
CA LEU A 57 2.20 4.02 14.97
C LEU A 57 3.52 4.26 15.71
N ALA A 58 4.02 5.51 15.67
CA ALA A 58 5.25 5.93 16.36
C ALA A 58 5.19 7.43 16.54
N GLU A 59 5.76 7.95 17.59
CA GLU A 59 5.77 9.38 17.77
C GLU A 59 7.20 9.81 17.99
N GLY A 60 7.52 11.03 17.62
CA GLY A 60 8.87 11.49 17.77
C GLY A 60 9.18 12.93 17.46
N PRO A 61 10.32 13.43 17.94
CA PRO A 61 10.78 14.80 17.69
C PRO A 61 10.58 15.28 16.27
N GLY A 62 11.11 14.57 15.30
CA GLY A 62 10.78 14.95 13.93
C GLY A 62 11.79 14.78 12.87
N ALA A 63 11.53 15.32 11.66
CA ALA A 63 12.42 15.28 10.48
C ALA A 63 11.20 15.32 9.68
N PRO A 64 11.24 14.77 8.46
CA PRO A 64 9.93 14.67 7.87
C PRO A 64 9.19 13.54 8.56
N ARG A 65 7.88 13.64 8.65
CA ARG A 65 7.11 12.56 9.22
C ARG A 65 6.75 11.49 8.18
N LEU A 66 6.53 10.28 8.61
CA LEU A 66 6.26 9.20 7.69
C LEU A 66 4.80 8.79 7.63
N ILE A 67 4.17 8.95 6.48
CA ILE A 67 2.79 8.52 6.30
C ILE A 67 2.71 7.31 5.39
N CYS A 68 2.35 6.18 5.97
CA CYS A 68 2.29 4.94 5.22
C CYS A 68 0.90 4.62 4.66
N VAL A 69 0.86 4.12 3.44
CA VAL A 69 -0.41 3.80 2.79
C VAL A 69 -0.55 2.32 2.78
N SER A 70 -1.68 1.82 3.24
CA SER A 70 -1.95 0.39 3.30
C SER A 70 -2.01 -0.28 1.97
N THR A 71 -1.70 -1.55 1.94
CA THR A 71 -1.74 -2.32 0.74
C THR A 71 -3.16 -2.70 0.47
N PRO A 72 -3.59 -2.66 -0.80
CA PRO A 72 -4.94 -3.07 -1.18
C PRO A 72 -5.26 -4.55 -1.04
N THR A 73 -4.74 -5.20 -0.04
CA THR A 73 -4.96 -6.60 0.20
C THR A 73 -6.08 -6.79 1.19
N ALA A 74 -6.78 -7.90 1.09
CA ALA A 74 -7.84 -8.22 2.02
C ALA A 74 -7.44 -8.30 3.50
N ASN A 75 -6.21 -8.63 3.79
CA ASN A 75 -5.71 -8.65 5.16
C ASN A 75 -4.90 -7.43 5.49
N GLY A 76 -4.96 -6.43 4.65
CA GLY A 76 -4.21 -5.23 4.84
C GLY A 76 -4.77 -4.20 5.75
N GLY A 77 -3.97 -3.21 6.04
CA GLY A 77 -4.39 -2.19 6.95
C GLY A 77 -3.26 -1.57 7.68
N VAL A 78 -3.57 -0.70 8.61
CA VAL A 78 -2.56 0.04 9.35
C VAL A 78 -1.57 -0.84 10.08
N HIS A 79 -1.99 -2.02 10.45
CA HIS A 79 -1.14 -2.93 11.16
C HIS A 79 0.02 -3.41 10.35
N GLU A 80 -0.05 -3.23 9.05
CA GLU A 80 1.01 -3.65 8.18
C GLU A 80 2.31 -2.91 8.36
N TYR A 81 2.26 -1.72 8.90
CA TYR A 81 3.44 -0.92 9.06
C TYR A 81 3.89 -0.75 10.50
N ALA A 82 3.43 -1.62 11.38
CA ALA A 82 3.76 -1.52 12.79
C ALA A 82 5.18 -1.94 13.16
N ARG A 83 5.68 -3.00 12.54
CA ARG A 83 7.04 -3.42 12.78
C ARG A 83 7.97 -2.40 12.22
N LEU A 84 7.68 -1.91 11.04
CA LEU A 84 8.48 -0.87 10.48
C LEU A 84 8.51 0.34 11.36
N ALA A 85 7.37 0.78 11.84
CA ALA A 85 7.31 1.92 12.75
C ALA A 85 7.95 1.69 14.10
N ALA A 86 8.21 0.45 14.46
CA ALA A 86 8.83 0.14 15.73
C ALA A 86 10.27 0.55 15.71
N SER A 87 10.88 0.52 14.56
CA SER A 87 12.24 0.95 14.46
C SER A 87 12.38 2.47 14.45
N PHE A 88 11.27 3.19 14.47
CA PHE A 88 11.30 4.63 14.44
C PHE A 88 10.72 5.21 15.69
N ARG A 89 10.48 4.36 16.68
CA ARG A 89 9.83 4.80 17.90
C ARG A 89 10.67 5.77 18.69
N GLY A 90 10.13 6.95 18.92
CA GLY A 90 10.84 7.95 19.65
C GLY A 90 11.66 8.88 18.79
N GLU A 91 11.72 8.64 17.50
CA GLU A 91 12.54 9.44 16.63
C GLU A 91 11.68 10.33 15.79
N ARG A 92 10.65 9.77 15.18
CA ARG A 92 9.72 10.56 14.36
C ARG A 92 8.32 10.01 14.35
N HIS A 93 7.40 10.82 13.89
CA HIS A 93 6.05 10.39 13.77
C HIS A 93 5.80 9.50 12.54
N VAL A 94 5.16 8.36 12.73
CA VAL A 94 4.77 7.42 11.67
C VAL A 94 3.26 7.16 11.78
N SER A 95 2.46 7.61 10.81
CA SER A 95 1.06 7.16 10.61
C SER A 95 0.88 6.11 9.49
N ALA A 96 -0.27 5.45 9.48
CA ALA A 96 -0.69 4.58 8.39
C ALA A 96 -2.10 4.93 8.05
N LEU A 97 -2.51 4.63 6.84
CA LEU A 97 -3.86 4.96 6.39
C LEU A 97 -4.54 3.75 5.90
N PRO A 98 -5.78 3.54 6.38
CA PRO A 98 -6.58 2.57 5.71
C PRO A 98 -7.02 3.09 4.38
N LEU A 99 -7.35 2.16 3.52
CA LEU A 99 -8.00 2.40 2.25
C LEU A 99 -9.52 2.35 2.40
N VAL A 100 -10.20 3.26 1.76
CA VAL A 100 -11.64 3.25 1.83
C VAL A 100 -12.26 2.08 1.08
N GLY A 101 -13.21 1.44 1.74
CA GLY A 101 -13.98 0.37 1.12
C GLY A 101 -13.72 -0.99 1.73
N PHE A 102 -12.70 -1.09 2.58
CA PHE A 102 -12.40 -2.35 3.19
C PHE A 102 -13.26 -2.57 4.45
N ALA A 103 -13.74 -1.52 5.08
CA ALA A 103 -14.70 -1.64 6.25
C ALA A 103 -16.11 -1.79 5.74
N ALA A 104 -16.89 -2.71 6.30
CA ALA A 104 -18.27 -2.96 5.88
C ALA A 104 -19.15 -1.67 5.75
N GLY A 105 -19.96 -1.63 4.68
CA GLY A 105 -20.66 -0.42 4.22
C GLY A 105 -19.85 0.89 4.11
N GLU A 106 -18.61 0.78 3.62
CA GLU A 106 -17.92 1.86 2.95
C GLU A 106 -18.09 1.58 1.47
N ARG A 107 -18.23 2.64 0.69
CA ARG A 107 -18.34 2.51 -0.76
C ARG A 107 -16.90 2.48 -1.29
N LEU A 108 -16.71 1.91 -2.46
CA LEU A 108 -15.44 1.86 -3.11
C LEU A 108 -15.32 3.02 -4.07
N PRO A 109 -14.08 3.43 -4.40
CA PRO A 109 -13.99 4.44 -5.45
C PRO A 109 -14.47 3.90 -6.80
N ALA A 110 -15.15 4.77 -7.54
CA ALA A 110 -15.76 4.39 -8.81
C ALA A 110 -14.68 4.31 -9.89
N THR A 111 -13.65 5.14 -9.75
CA THR A 111 -12.57 5.25 -10.74
C THR A 111 -11.20 5.33 -10.08
N PRO A 112 -10.16 4.86 -10.80
CA PRO A 112 -8.78 5.02 -10.38
C PRO A 112 -8.41 6.45 -9.99
N GLU A 113 -8.90 7.48 -10.66
CA GLU A 113 -8.59 8.86 -10.22
C GLU A 113 -9.25 9.15 -8.89
N THR A 114 -10.45 8.67 -8.65
CA THR A 114 -11.05 8.82 -7.32
C THR A 114 -10.21 8.07 -6.25
N ALA A 115 -9.71 6.91 -6.64
CA ALA A 115 -8.89 6.10 -5.71
C ALA A 115 -7.65 6.84 -5.29
N VAL A 116 -7.00 7.46 -6.26
CA VAL A 116 -5.76 8.20 -5.99
C VAL A 116 -6.06 9.42 -5.12
N ARG A 117 -7.15 10.07 -5.49
CA ARG A 117 -7.68 11.26 -4.86
C ARG A 117 -7.94 11.07 -3.36
N VAL A 118 -8.65 9.99 -3.04
CA VAL A 118 -8.98 9.73 -1.65
C VAL A 118 -7.74 9.42 -0.81
N VAL A 119 -6.77 8.75 -1.42
CA VAL A 119 -5.54 8.46 -0.78
C VAL A 119 -4.81 9.75 -0.57
N ALA A 120 -4.85 10.63 -1.58
CA ALA A 120 -4.12 11.89 -1.46
C ALA A 120 -4.71 12.81 -0.31
N GLU A 121 -6.03 12.98 -0.29
CA GLU A 121 -6.69 13.77 0.75
C GLU A 121 -6.43 13.20 2.12
N SER A 122 -6.59 11.88 2.25
CA SER A 122 -6.46 11.23 3.52
C SER A 122 -5.01 11.29 3.98
N THR A 123 -4.09 11.23 3.05
CA THR A 123 -2.67 11.54 3.32
C THR A 123 -2.44 12.96 3.90
N LEU A 124 -3.17 13.92 3.37
CA LEU A 124 -3.14 15.30 3.85
C LEU A 124 -3.68 15.48 5.28
N ARG A 125 -4.91 15.00 5.58
CA ARG A 125 -5.41 14.93 6.97
C ARG A 125 -4.26 14.42 7.83
N ALA A 126 -3.62 13.34 7.43
CA ALA A 126 -2.57 12.80 8.28
C ALA A 126 -1.33 13.68 8.45
N SER A 127 -1.07 14.57 7.51
CA SER A 127 0.12 15.40 7.56
C SER A 127 -0.09 16.49 8.56
N ASP A 128 -1.33 17.00 8.67
CA ASP A 128 -1.68 17.99 9.70
C ASP A 128 -0.78 19.23 9.51
N GLY A 129 -0.72 19.69 8.27
CA GLY A 129 0.18 20.77 7.86
C GLY A 129 1.68 20.57 8.08
N ASN A 130 2.13 19.41 8.51
CA ASN A 130 3.60 19.22 8.60
C ASN A 130 4.19 18.82 7.22
N PRO A 131 5.57 18.78 7.11
CA PRO A 131 6.33 18.15 6.02
C PRO A 131 6.50 16.60 6.15
N PHE A 132 6.09 15.87 5.08
CA PHE A 132 5.91 14.39 5.14
C PHE A 132 6.52 13.57 3.99
N VAL A 133 6.77 12.31 4.28
CA VAL A 133 7.19 11.33 3.30
C VAL A 133 6.04 10.33 3.16
N LEU A 134 5.57 10.13 1.93
CA LEU A 134 4.64 9.04 1.63
C LEU A 134 5.39 7.74 1.49
N VAL A 135 4.98 6.73 2.23
CA VAL A 135 5.54 5.39 2.11
C VAL A 135 4.45 4.45 1.58
N GLY A 136 4.87 3.40 0.87
CA GLY A 136 3.92 2.40 0.41
C GLY A 136 4.62 1.13 0.15
N HIS A 137 4.17 0.04 0.78
CA HIS A 137 4.66 -1.28 0.44
C HIS A 137 3.96 -1.85 -0.82
N SER A 138 4.72 -2.58 -1.64
CA SER A 138 4.22 -3.23 -2.86
C SER A 138 3.38 -2.27 -3.62
N SER A 139 2.13 -2.61 -3.92
CA SER A 139 1.29 -1.80 -4.74
C SER A 139 0.78 -0.57 -4.01
N ALA A 140 0.85 -0.55 -2.72
CA ALA A 140 0.53 0.70 -2.02
C ALA A 140 1.50 1.79 -2.46
N GLY A 141 2.73 1.38 -2.77
CA GLY A 141 3.68 2.25 -3.40
C GLY A 141 3.18 3.02 -4.60
N ALA A 142 2.54 2.30 -5.51
CA ALA A 142 1.96 2.89 -6.69
C ALA A 142 0.98 3.93 -6.28
N PHE A 143 0.13 3.64 -5.29
CA PHE A 143 -0.86 4.66 -4.89
C PHE A 143 -0.18 5.89 -4.18
N ALA A 144 0.92 5.62 -3.46
CA ALA A 144 1.67 6.65 -2.79
C ALA A 144 2.36 7.58 -3.81
N TYR A 145 3.10 7.00 -4.75
CA TYR A 145 3.70 7.76 -5.88
C TYR A 145 2.71 8.67 -6.59
N LEU A 146 1.58 8.12 -6.94
CA LEU A 146 0.63 8.82 -7.73
C LEU A 146 -0.11 9.83 -6.88
N ALA A 147 -0.30 9.55 -5.60
CA ALA A 147 -0.97 10.52 -4.74
C ALA A 147 -0.05 11.71 -4.55
N ALA A 148 1.25 11.47 -4.34
CA ALA A 148 2.28 12.55 -4.39
C ALA A 148 2.09 13.40 -5.62
N ALA A 149 2.03 12.80 -6.79
CA ALA A 149 1.88 13.57 -8.00
C ALA A 149 0.57 14.29 -8.07
N LEU A 150 -0.51 13.77 -7.48
CA LEU A 150 -1.79 14.49 -7.54
C LEU A 150 -1.75 15.70 -6.61
N LEU A 151 -1.02 15.57 -5.51
CA LEU A 151 -0.90 16.63 -4.54
C LEU A 151 -0.20 17.83 -5.15
N GLU A 152 0.96 17.54 -5.73
CA GLU A 152 1.74 18.49 -6.57
C GLU A 152 0.87 19.20 -7.67
N ASN A 153 0.13 18.46 -8.50
CA ASN A 153 -0.55 19.02 -9.69
C ASN A 153 -1.80 19.78 -9.38
N THR A 154 -2.57 19.34 -8.41
CA THR A 154 -3.86 19.96 -8.23
C THR A 154 -3.93 20.81 -6.94
N TRP A 155 -3.05 20.61 -5.95
CA TRP A 155 -3.02 21.47 -4.77
C TRP A 155 -1.67 22.10 -4.58
N GLY A 156 -0.76 22.02 -5.55
CA GLY A 156 0.59 22.52 -5.30
C GLY A 156 1.27 22.20 -3.95
N ILE A 157 0.90 21.08 -3.32
CA ILE A 157 1.58 20.56 -2.10
C ILE A 157 2.49 19.41 -2.47
N ARG A 158 3.61 19.35 -1.81
CA ARG A 158 4.69 18.53 -2.26
C ARG A 158 5.30 17.73 -1.12
N PRO A 159 5.11 16.44 -1.13
CA PRO A 159 5.86 15.66 -0.15
C PRO A 159 7.37 15.91 -0.18
N GLU A 160 8.01 15.68 0.93
CA GLU A 160 9.43 15.78 0.95
C GLU A 160 9.97 14.69 0.10
N ALA A 161 9.30 13.55 0.09
CA ALA A 161 9.80 12.36 -0.62
C ALA A 161 8.70 11.33 -0.72
N VAL A 162 8.99 10.27 -1.47
CA VAL A 162 8.15 9.10 -1.60
C VAL A 162 9.02 7.88 -1.47
N VAL A 163 8.61 6.95 -0.61
CA VAL A 163 9.37 5.72 -0.43
C VAL A 163 8.53 4.53 -0.89
N LEU A 164 9.13 3.69 -1.71
CA LEU A 164 8.51 2.58 -2.29
C LEU A 164 9.18 1.36 -1.72
N LEU A 165 8.45 0.49 -1.01
CA LEU A 165 9.05 -0.69 -0.48
C LEU A 165 8.74 -1.82 -1.44
N ASP A 166 9.73 -2.17 -2.21
CA ASP A 166 9.68 -3.19 -3.24
C ASP A 166 8.48 -3.07 -4.16
N THR A 167 8.04 -1.85 -4.44
CA THR A 167 6.99 -1.69 -5.38
C THR A 167 7.46 -2.21 -6.73
N LEU A 168 6.73 -3.12 -7.34
CA LEU A 168 7.15 -3.72 -8.61
C LEU A 168 6.66 -3.03 -9.88
N SER A 169 5.67 -2.16 -9.79
CA SER A 169 5.09 -1.48 -10.95
C SER A 169 4.16 -0.40 -10.50
N LEU A 170 3.55 0.29 -11.42
CA LEU A 170 2.52 1.23 -11.07
C LEU A 170 1.20 0.60 -11.47
N ARG A 171 1.07 0.21 -12.71
CA ARG A 171 -0.16 -0.35 -13.20
C ARG A 171 -0.31 -1.83 -13.02
N HIS A 172 0.76 -2.52 -12.71
CA HIS A 172 0.74 -3.94 -12.43
C HIS A 172 0.07 -4.69 -13.52
N GLU A 173 0.46 -4.38 -14.73
CA GLU A 173 -0.14 -5.00 -15.87
C GLU A 173 0.25 -6.42 -15.95
N GLN A 174 -0.74 -7.27 -16.18
CA GLN A 174 -0.50 -8.70 -16.18
C GLN A 174 0.13 -9.00 -17.47
N ASN A 175 1.43 -9.18 -17.46
CA ASN A 175 2.17 -9.33 -18.67
C ASN A 175 3.49 -9.97 -18.43
N GLU A 176 3.56 -11.19 -17.91
CA GLU A 176 4.82 -11.95 -17.79
C GLU A 176 6.14 -11.37 -17.25
N THR A 177 6.15 -10.11 -16.85
CA THR A 177 7.35 -9.52 -16.35
C THR A 177 7.53 -10.01 -14.95
N ILE A 178 6.42 -10.31 -14.27
CA ILE A 178 6.50 -10.86 -12.94
C ILE A 178 5.38 -11.85 -12.66
N ASP A 179 5.66 -12.89 -11.88
CA ASP A 179 4.63 -13.85 -11.49
C ASP A 179 3.69 -13.22 -10.50
N TYR A 180 2.68 -12.55 -11.00
CA TYR A 180 1.69 -11.89 -10.14
C TYR A 180 0.87 -12.95 -9.36
N ALA A 181 0.47 -13.99 -10.09
CA ALA A 181 -0.18 -15.18 -9.54
C ALA A 181 0.56 -15.81 -8.35
N GLY A 182 1.87 -15.96 -8.46
CA GLY A 182 2.67 -16.60 -7.43
C GLY A 182 2.94 -15.69 -6.28
N LEU A 183 2.96 -14.39 -6.55
CA LEU A 183 3.08 -13.39 -5.52
C LEU A 183 1.77 -13.32 -4.62
N MET A 184 0.61 -13.51 -5.23
CA MET A 184 -0.65 -13.51 -4.53
C MET A 184 -0.71 -14.74 -3.60
N ARG A 185 -0.37 -15.91 -4.13
CA ARG A 185 -0.19 -17.10 -3.33
C ARG A 185 0.69 -16.81 -2.14
N ARG A 186 1.91 -16.37 -2.42
CA ARG A 186 2.86 -16.20 -1.35
C ARG A 186 2.37 -15.25 -0.28
N HIS A 187 1.71 -14.15 -0.67
CA HIS A 187 1.22 -13.17 0.30
C HIS A 187 0.25 -13.82 1.31
N PHE A 188 -0.72 -14.55 0.75
CA PHE A 188 -1.81 -15.14 1.53
C PHE A 188 -1.41 -16.46 2.19
N MET A 189 -0.33 -17.09 1.73
CA MET A 189 0.28 -18.23 2.41
C MET A 189 1.30 -17.82 3.45
N VAL A 190 1.62 -16.53 3.60
CA VAL A 190 2.45 -16.12 4.73
C VAL A 190 1.81 -16.55 6.05
N ASP A 191 2.66 -17.02 6.94
CA ASP A 191 2.20 -17.63 8.17
C ASP A 191 2.49 -16.73 9.36
N GLU A 192 1.47 -15.99 9.72
CA GLU A 192 1.59 -15.12 10.83
C GLU A 192 0.18 -14.88 11.37
N VAL A 193 0.12 -14.25 12.51
CA VAL A 193 -1.09 -13.88 13.14
C VAL A 193 -1.52 -12.54 12.49
N SER A 194 -2.71 -12.52 11.90
CA SER A 194 -3.30 -11.29 11.44
C SER A 194 -4.25 -10.79 12.52
N PRO A 195 -4.30 -9.51 12.79
CA PRO A 195 -5.43 -8.97 13.62
C PRO A 195 -6.80 -8.76 12.89
N VAL A 196 -6.92 -9.17 11.61
CA VAL A 196 -8.16 -9.01 10.85
C VAL A 196 -8.52 -10.29 10.14
N ARG A 197 -9.82 -10.56 10.07
CA ARG A 197 -10.39 -11.56 9.16
C ARG A 197 -10.49 -10.86 7.77
N MET A 198 -10.40 -11.71 6.78
CA MET A 198 -10.64 -11.31 5.42
C MET A 198 -12.17 -11.45 5.24
N THR A 199 -12.86 -10.39 5.68
CA THR A 199 -14.28 -10.27 5.54
C THR A 199 -14.67 -10.24 4.04
N ASN A 200 -15.97 -10.30 3.75
CA ASN A 200 -16.42 -10.19 2.36
C ASN A 200 -16.21 -8.77 1.86
N SER A 201 -16.38 -7.79 2.71
CA SER A 201 -16.10 -6.43 2.33
C SER A 201 -14.62 -6.21 2.02
N ARG A 202 -13.73 -6.89 2.71
CA ARG A 202 -12.32 -6.74 2.49
C ARG A 202 -11.85 -7.48 1.25
N LEU A 203 -12.44 -8.59 0.96
CA LEU A 203 -12.11 -9.33 -0.22
C LEU A 203 -12.67 -8.68 -1.47
N SER A 204 -13.86 -8.11 -1.39
CA SER A 204 -14.47 -7.44 -2.53
C SER A 204 -13.71 -6.13 -2.75
N ALA A 205 -13.31 -5.43 -1.69
CA ALA A 205 -12.46 -4.23 -1.78
C ALA A 205 -11.09 -4.47 -2.40
N MET A 206 -10.42 -5.54 -1.99
CA MET A 206 -9.27 -5.98 -2.68
C MET A 206 -9.51 -6.12 -4.18
N ALA A 207 -10.52 -6.83 -4.63
CA ALA A 207 -10.71 -6.95 -6.04
C ALA A 207 -10.83 -5.62 -6.76
N ARG A 208 -11.63 -4.73 -6.22
CA ARG A 208 -11.85 -3.45 -6.82
C ARG A 208 -10.61 -2.59 -6.85
N TRP A 209 -9.93 -2.47 -5.73
CA TRP A 209 -8.69 -1.75 -5.71
C TRP A 209 -7.57 -2.39 -6.58
N MET A 210 -7.41 -3.70 -6.51
CA MET A 210 -6.40 -4.31 -7.38
C MET A 210 -6.78 -4.13 -8.82
N GLY A 211 -8.08 -4.19 -9.13
CA GLY A 211 -8.55 -4.11 -10.52
C GLY A 211 -8.28 -2.74 -11.10
N MET A 212 -8.25 -1.72 -10.26
CA MET A 212 -7.98 -0.38 -10.72
C MET A 212 -6.52 -0.08 -11.00
N LEU A 213 -5.59 -0.83 -10.43
CA LEU A 213 -4.18 -0.67 -10.82
C LEU A 213 -3.99 -0.56 -12.35
N ASN A 214 -4.57 -1.46 -13.13
CA ASN A 214 -4.36 -1.50 -14.59
C ASN A 214 -4.81 -0.29 -15.35
N GLN A 215 -5.65 0.53 -14.76
CA GLN A 215 -6.20 1.68 -15.43
C GLN A 215 -5.86 2.99 -14.77
N LEU A 216 -4.80 3.01 -13.99
CA LEU A 216 -4.38 4.22 -13.32
C LEU A 216 -3.77 5.23 -14.27
N GLU A 217 -4.05 6.49 -14.03
CA GLU A 217 -3.46 7.53 -14.84
C GLU A 217 -2.07 7.80 -14.34
N VAL A 218 -1.09 7.49 -15.14
CA VAL A 218 0.29 7.68 -14.76
C VAL A 218 0.70 9.15 -14.85
N ARG A 219 1.34 9.65 -13.83
CA ARG A 219 1.68 11.07 -13.67
C ARG A 219 2.99 11.18 -12.89
N HIS A 220 3.87 12.09 -13.30
CA HIS A 220 5.19 12.24 -12.66
C HIS A 220 5.05 13.10 -11.41
N THR A 221 5.84 12.77 -10.41
CA THR A 221 6.04 13.68 -9.27
C THR A 221 7.50 14.05 -9.36
N THR A 222 7.76 15.32 -9.03
CA THR A 222 9.13 15.86 -9.03
C THR A 222 9.89 15.58 -7.76
N VAL A 223 9.17 15.13 -6.72
CA VAL A 223 9.82 15.07 -5.41
C VAL A 223 10.74 13.87 -5.43
N PRO A 224 11.69 13.80 -4.51
CA PRO A 224 12.62 12.66 -4.59
C PRO A 224 11.94 11.37 -4.16
N VAL A 225 12.49 10.27 -4.66
CA VAL A 225 11.86 9.01 -4.58
C VAL A 225 12.90 7.97 -4.30
N LEU A 226 12.63 7.19 -3.24
CA LEU A 226 13.43 6.03 -2.90
C LEU A 226 12.72 4.69 -3.16
N ILE A 227 13.34 3.82 -3.91
CA ILE A 227 12.86 2.53 -4.14
C ILE A 227 13.75 1.60 -3.36
N ILE A 228 13.25 0.94 -2.32
CA ILE A 228 14.07 -0.09 -1.68
C ILE A 228 13.73 -1.38 -2.33
N ARG A 229 14.70 -2.00 -2.96
CA ARG A 229 14.50 -3.24 -3.66
C ARG A 229 14.88 -4.43 -2.80
N ALA A 230 14.13 -5.50 -2.92
CA ALA A 230 14.40 -6.69 -2.15
C ALA A 230 15.27 -7.63 -2.93
N ALA A 231 16.45 -7.91 -2.41
CA ALA A 231 17.43 -8.72 -3.15
C ALA A 231 17.16 -10.19 -3.32
N LYS A 232 16.38 -10.76 -2.44
CA LYS A 232 16.10 -12.18 -2.52
C LYS A 232 15.08 -12.62 -3.60
N GLU A 233 14.62 -11.71 -4.41
CA GLU A 233 13.73 -12.10 -5.48
C GLU A 233 14.50 -11.96 -6.76
N THR A 234 15.25 -10.88 -6.87
CA THR A 234 16.00 -10.59 -8.07
C THR A 234 15.16 -10.66 -9.35
N GLY A 242 20.49 0.48 -14.28
CA GLY A 242 20.83 1.88 -14.49
C GLY A 242 19.77 2.61 -15.31
N ILE A 243 18.51 2.41 -14.91
CA ILE A 243 17.32 2.89 -15.65
C ILE A 243 17.02 4.38 -15.28
N TYR A 244 17.38 4.88 -14.07
CA TYR A 244 17.07 6.31 -13.67
C TYR A 244 18.32 7.22 -13.45
N GLY A 245 18.51 8.26 -14.31
CA GLY A 245 19.61 9.21 -14.19
C GLY A 245 19.17 10.64 -14.41
N GLU A 246 20.09 11.49 -14.89
CA GLU A 246 19.85 12.93 -15.13
C GLU A 246 18.60 13.17 -16.03
N ASP A 247 18.28 12.17 -16.89
CA ASP A 247 17.25 12.35 -17.91
C ASP A 247 15.88 11.97 -17.41
N HIS A 248 15.77 11.54 -16.15
CA HIS A 248 14.44 11.26 -15.56
C HIS A 248 13.65 12.57 -15.28
N GLY A 249 14.38 13.64 -14.93
CA GLY A 249 13.76 14.95 -14.59
C GLY A 249 13.53 15.19 -13.11
N SER A 250 14.03 14.22 -12.30
CA SER A 250 13.95 14.29 -10.84
C SER A 250 14.75 13.15 -10.24
N PRO A 251 15.16 13.28 -8.99
CA PRO A 251 16.07 12.25 -8.41
C PRO A 251 15.31 11.00 -7.94
N VAL A 252 15.81 9.83 -8.32
CA VAL A 252 15.13 8.60 -8.01
C VAL A 252 16.25 7.70 -7.62
N ASP A 253 16.29 7.26 -6.37
CA ASP A 253 17.34 6.38 -5.90
C ASP A 253 16.88 4.96 -5.65
N VAL A 254 17.75 4.00 -5.93
CA VAL A 254 17.43 2.61 -5.74
C VAL A 254 18.40 1.94 -4.78
N ARG A 255 17.91 1.55 -3.62
CA ARG A 255 18.73 0.86 -2.65
C ARG A 255 18.34 -0.59 -2.54
N SER A 256 19.29 -1.45 -2.26
CA SER A 256 19.01 -2.86 -2.12
C SER A 256 18.96 -3.22 -0.66
N VAL A 257 18.13 -4.18 -0.32
CA VAL A 257 17.99 -4.62 1.09
C VAL A 257 18.01 -6.15 1.08
N ASP A 258 18.55 -6.72 2.14
CA ASP A 258 18.83 -8.16 2.20
C ASP A 258 17.58 -8.72 2.87
N ALA A 259 16.66 -9.15 2.01
CA ALA A 259 15.25 -9.37 2.38
C ALA A 259 14.48 -9.76 1.18
N ASP A 260 13.37 -10.46 1.40
CA ASP A 260 12.40 -10.66 0.34
C ASP A 260 11.30 -9.61 0.50
N HIS A 261 10.36 -9.70 -0.43
CA HIS A 261 9.21 -8.80 -0.55
C HIS A 261 8.36 -8.70 0.71
N PHE A 262 8.21 -9.82 1.37
CA PHE A 262 7.44 -9.96 2.61
C PHE A 262 8.32 -9.69 3.82
N SER A 263 9.47 -10.34 3.87
CA SER A 263 10.41 -10.17 5.04
C SER A 263 10.84 -8.73 5.28
N MET A 264 10.82 -7.90 4.21
CA MET A 264 11.25 -6.48 4.36
C MET A 264 10.41 -5.58 5.24
N VAL A 265 9.17 -5.97 5.49
CA VAL A 265 8.30 -5.23 6.41
C VAL A 265 8.05 -6.10 7.64
N ARG A 266 8.67 -7.25 7.70
CA ARG A 266 8.52 -8.14 8.83
C ARG A 266 9.83 -8.29 9.61
N ASP A 267 10.52 -9.42 9.46
CA ASP A 267 11.74 -9.66 10.21
C ASP A 267 12.92 -8.77 9.79
N ASP A 268 13.16 -8.59 8.51
CA ASP A 268 14.17 -7.64 7.98
C ASP A 268 13.69 -6.18 7.95
N ALA A 269 12.63 -5.86 8.70
CA ALA A 269 12.16 -4.49 8.81
C ALA A 269 13.18 -3.50 9.36
N PRO A 270 14.03 -3.94 10.30
CA PRO A 270 14.92 -2.88 10.86
C PRO A 270 16.02 -2.46 9.87
N GLU A 271 16.52 -3.40 9.06
CA GLU A 271 17.34 -3.04 7.92
C GLU A 271 16.64 -1.95 7.08
N THR A 272 15.49 -2.30 6.48
CA THR A 272 14.64 -1.39 5.69
C THR A 272 14.48 -0.03 6.34
N ALA A 273 14.19 -0.03 7.64
CA ALA A 273 14.01 1.24 8.36
C ALA A 273 15.32 2.07 8.31
N ARG A 274 16.43 1.36 8.49
CA ARG A 274 17.73 2.02 8.62
C ARG A 274 18.13 2.61 7.23
N ILE A 275 17.97 1.80 6.17
CA ILE A 275 18.11 2.28 4.79
C ILE A 275 17.22 3.50 4.53
N VAL A 276 16.07 3.61 5.17
CA VAL A 276 15.17 4.74 5.01
C VAL A 276 15.73 5.90 5.80
N LYS A 277 16.26 5.63 6.97
CA LYS A 277 16.84 6.70 7.82
C LYS A 277 18.03 7.37 7.11
N GLU A 278 19.00 6.53 6.72
CA GLU A 278 20.22 6.96 6.00
C GLU A 278 19.81 7.88 4.88
N TRP A 279 19.00 7.34 3.96
CA TRP A 279 18.49 8.10 2.82
C TRP A 279 17.75 9.40 3.17
N LEU A 280 16.93 9.37 4.19
CA LEU A 280 16.12 10.54 4.48
C LEU A 280 16.91 11.73 4.94
N ASP A 281 18.02 11.49 5.62
CA ASP A 281 18.79 12.59 6.14
C ASP A 281 19.83 13.03 5.13
N SER A 282 20.08 12.18 4.15
CA SER A 282 21.00 12.54 3.10
C SER A 282 20.26 13.26 1.99
N LEU A 283 19.28 14.07 2.33
CA LEU A 283 18.47 14.76 1.35
C LEU A 283 18.70 16.26 1.42
#